data_2F97
#
_entry.id   2F97
#
_cell.length_a   70.048
_cell.length_b   70.048
_cell.length_c   187.683
_cell.angle_alpha   90.000
_cell.angle_beta   90.000
_cell.angle_gamma   90.000
#
_symmetry.space_group_name_H-M   'P 43 2 2'
#
loop_
_entity.id
_entity.type
_entity.pdbx_description
1 polymer 'HTH-type transcriptional regulator benM'
2 non-polymer 'ACETATE ION'
3 non-polymer 'TETRAETHYLENE GLYCOL'
4 non-polymer DI(HYDROXYETHYL)ETHER
5 water water
#
_entity_poly.entity_id   1
_entity_poly.type   'polypeptide(L)'
_entity_poly.pdbx_seq_one_letter_code
;MTKRIASVEKTIRIGFVGSLLFGLLPRIIHLYRQAHPNLRIELYEMGTKAQTEALKEGRIDAGFGRLKISDPAIKRTLLR
NERLMVAVHASHPLNQMKDKGVHLNDLIDEKILLYPSSPKPNFSTHVMNIFSDHGLEPTKINEVREVQLALGLVAAGEGI
SLVPASTQSIQLFNLSYVPLLDPDAITPIYIAVRNMEESTYIYSLYETIRQIYAYEGFTEPPNWLEHHHHHH
;
_entity_poly.pdbx_strand_id   A
#
loop_
_chem_comp.id
_chem_comp.type
_chem_comp.name
_chem_comp.formula
ACT non-polymer 'ACETATE ION' 'C2 H3 O2 -1'
PEG non-polymer DI(HYDROXYETHYL)ETHER 'C4 H10 O3'
PG4 non-polymer 'TETRAETHYLENE GLYCOL' 'C8 H18 O5'
#
# COMPACT_ATOMS: atom_id res chain seq x y z
N GLU A 9 4.43 -12.68 -29.82
CA GLU A 9 4.87 -11.91 -28.62
C GLU A 9 3.71 -11.72 -27.64
N LYS A 10 3.76 -12.45 -26.53
CA LYS A 10 2.75 -12.36 -25.48
C LYS A 10 2.92 -11.08 -24.65
N THR A 11 1.80 -10.44 -24.32
CA THR A 11 1.80 -9.28 -23.44
C THR A 11 1.03 -9.57 -22.15
N ILE A 12 1.66 -9.29 -21.02
CA ILE A 12 1.02 -9.36 -19.71
C ILE A 12 0.92 -7.96 -19.13
N ARG A 13 -0.28 -7.58 -18.71
CA ARG A 13 -0.54 -6.24 -18.19
C ARG A 13 -0.84 -6.28 -16.69
N ILE A 14 -0.10 -5.48 -15.94
CA ILE A 14 -0.18 -5.48 -14.48
C ILE A 14 -0.57 -4.10 -13.96
N GLY A 15 -1.67 -4.05 -13.20
CA GLY A 15 -2.10 -2.83 -12.53
C GLY A 15 -1.59 -2.79 -11.10
N PHE A 16 -1.32 -1.58 -10.61
CA PHE A 16 -0.78 -1.40 -9.25
C PHE A 16 -1.10 -0.01 -8.71
N VAL A 17 -1.19 0.10 -7.38
CA VAL A 17 -1.28 1.41 -6.74
C VAL A 17 0.13 1.90 -6.39
N GLY A 18 0.31 3.22 -6.42
CA GLY A 18 1.62 3.86 -6.24
C GLY A 18 2.30 3.60 -4.90
N SER A 19 1.51 3.40 -3.85
CA SER A 19 2.04 3.14 -2.52
C SER A 19 2.84 1.83 -2.43
N LEU A 20 2.70 0.98 -3.44
CA LEU A 20 3.38 -0.31 -3.48
C LEU A 20 4.77 -0.26 -4.13
N LEU A 21 5.08 0.87 -4.77
CA LEU A 21 6.38 1.06 -5.41
C LEU A 21 7.53 1.22 -4.41
N PHE A 22 7.20 1.53 -3.16
CA PHE A 22 8.19 1.72 -2.10
C PHE A 22 8.55 0.41 -1.40
N GLY A 23 7.82 -0.65 -1.72
CA GLY A 23 8.04 -1.96 -1.12
C GLY A 23 8.61 -3.00 -2.07
N LEU A 24 8.13 -4.23 -1.92
CA LEU A 24 8.65 -5.39 -2.64
C LEU A 24 8.24 -5.51 -4.10
N LEU A 25 7.19 -4.80 -4.51
CA LEU A 25 6.65 -4.96 -5.86
C LEU A 25 7.67 -4.81 -7.01
N PRO A 26 8.45 -3.71 -7.04
CA PRO A 26 9.41 -3.58 -8.14
C PRO A 26 10.39 -4.74 -8.29
N ARG A 27 10.92 -5.27 -7.18
CA ARG A 27 11.86 -6.39 -7.26
C ARG A 27 11.17 -7.68 -7.68
N ILE A 28 9.88 -7.79 -7.35
CA ILE A 28 9.06 -8.91 -7.82
C ILE A 28 8.91 -8.83 -9.34
N ILE A 29 8.57 -7.64 -9.85
CA ILE A 29 8.46 -7.42 -11.30
C ILE A 29 9.77 -7.70 -12.01
N HIS A 30 10.88 -7.24 -11.43
CA HIS A 30 12.19 -7.43 -12.03
C HIS A 30 12.57 -8.91 -12.14
N LEU A 31 12.34 -9.67 -11.07
CA LEU A 31 12.62 -11.11 -11.08
C LEU A 31 11.73 -11.85 -12.08
N TYR A 32 10.45 -11.50 -12.08
CA TYR A 32 9.48 -12.00 -13.05
C TYR A 32 9.95 -11.72 -14.49
N ARG A 33 10.49 -10.52 -14.70
CA ARG A 33 11.02 -10.08 -15.99
C ARG A 33 12.17 -10.97 -16.47
N GLN A 34 13.02 -11.39 -15.54
N GLN A 34 13.02 -11.39 -15.54
CA GLN A 34 14.17 -12.25 -15.85
CA GLN A 34 14.16 -12.25 -15.88
C GLN A 34 13.74 -13.66 -16.24
C GLN A 34 13.73 -13.67 -16.25
N ALA A 35 12.65 -14.13 -15.64
CA ALA A 35 12.11 -15.48 -15.90
C ALA A 35 11.44 -15.58 -17.27
N HIS A 36 11.00 -14.45 -17.81
CA HIS A 36 10.38 -14.40 -19.13
C HIS A 36 11.01 -13.30 -20.00
N PRO A 37 12.21 -13.56 -20.58
CA PRO A 37 12.91 -12.56 -21.39
C PRO A 37 12.17 -12.13 -22.65
N ASN A 38 11.34 -13.01 -23.21
CA ASN A 38 10.60 -12.73 -24.44
C ASN A 38 9.22 -12.12 -24.22
N LEU A 39 8.85 -11.93 -22.95
CA LEU A 39 7.53 -11.42 -22.58
C LEU A 39 7.50 -9.91 -22.48
N ARG A 40 6.51 -9.29 -23.12
CA ARG A 40 6.26 -7.87 -22.95
C ARG A 40 5.43 -7.64 -21.69
N ILE A 41 5.99 -6.90 -20.74
CA ILE A 41 5.29 -6.57 -19.50
C ILE A 41 4.89 -5.10 -19.51
N GLU A 42 3.60 -4.85 -19.37
CA GLU A 42 3.07 -3.50 -19.31
C GLU A 42 2.56 -3.20 -17.90
N LEU A 43 3.04 -2.10 -17.33
CA LEU A 43 2.71 -1.72 -15.97
C LEU A 43 1.85 -0.46 -15.97
N TYR A 44 0.72 -0.53 -15.26
CA TYR A 44 -0.24 0.57 -15.23
C TYR A 44 -0.60 0.96 -13.80
N GLU A 45 -0.39 2.24 -13.48
CA GLU A 45 -0.81 2.76 -12.18
C GLU A 45 -2.33 2.99 -12.21
N MET A 46 -3.02 2.34 -11.27
CA MET A 46 -4.48 2.49 -11.15
C MET A 46 -4.98 2.03 -9.80
N GLY A 47 -6.03 2.69 -9.32
CA GLY A 47 -6.69 2.30 -8.07
C GLY A 47 -7.40 0.98 -8.23
N THR A 48 -7.81 0.40 -7.10
CA THR A 48 -8.43 -0.92 -7.09
C THR A 48 -9.77 -0.97 -7.84
N LYS A 49 -10.54 0.11 -7.77
CA LYS A 49 -11.79 0.20 -8.54
C LYS A 49 -11.50 0.11 -10.04
N ALA A 50 -10.54 0.90 -10.51
CA ALA A 50 -10.11 0.85 -11.90
C ALA A 50 -9.52 -0.51 -12.26
N GLN A 51 -8.78 -1.11 -11.32
CA GLN A 51 -8.24 -2.47 -11.49
C GLN A 51 -9.33 -3.51 -11.67
N THR A 52 -10.37 -3.42 -10.84
CA THR A 52 -11.53 -4.32 -10.93
C THR A 52 -12.16 -4.28 -12.32
N GLU A 53 -12.42 -3.08 -12.82
CA GLU A 53 -13.05 -2.90 -14.13
C GLU A 53 -12.14 -3.35 -15.27
N ALA A 54 -10.83 -3.06 -15.14
CA ALA A 54 -9.85 -3.45 -16.15
C ALA A 54 -9.69 -4.97 -16.25
N LEU A 55 -9.71 -5.64 -15.11
CA LEU A 55 -9.61 -7.10 -15.06
C LEU A 55 -10.76 -7.78 -15.78
N LYS A 56 -11.99 -7.34 -15.47
CA LYS A 56 -13.19 -7.88 -16.09
C LYS A 56 -13.23 -7.64 -17.60
N GLU A 57 -12.64 -6.53 -18.03
CA GLU A 57 -12.59 -6.15 -19.44
C GLU A 57 -11.37 -6.72 -20.17
N GLY A 58 -10.52 -7.45 -19.44
CA GLY A 58 -9.30 -8.03 -20.00
C GLY A 58 -8.19 -7.03 -20.27
N ARG A 59 -8.33 -5.82 -19.75
CA ARG A 59 -7.35 -4.75 -19.98
C ARG A 59 -6.10 -4.85 -19.09
N ILE A 60 -6.24 -5.50 -17.93
CA ILE A 60 -5.07 -5.96 -17.16
C ILE A 60 -5.29 -7.42 -16.79
N ASP A 61 -4.21 -8.09 -16.35
CA ASP A 61 -4.27 -9.52 -16.04
C ASP A 61 -4.06 -9.83 -14.56
N ALA A 62 -3.48 -8.87 -13.85
CA ALA A 62 -3.30 -8.95 -12.39
C ALA A 62 -3.24 -7.54 -11.82
N GLY A 63 -3.81 -7.35 -10.64
CA GLY A 63 -3.84 -6.05 -9.98
C GLY A 63 -3.38 -6.12 -8.54
N PHE A 64 -2.42 -5.27 -8.18
CA PHE A 64 -1.90 -5.17 -6.83
C PHE A 64 -2.48 -3.94 -6.14
N GLY A 65 -3.06 -4.14 -4.96
CA GLY A 65 -3.73 -3.04 -4.25
C GLY A 65 -3.86 -3.24 -2.76
N ARG A 66 -4.47 -2.24 -2.11
CA ARG A 66 -4.58 -2.23 -0.65
C ARG A 66 -6.04 -2.31 -0.17
N LEU A 67 -6.97 -2.00 -1.07
CA LEU A 67 -8.38 -2.01 -0.71
C LEU A 67 -9.13 -3.12 -1.42
N LYS A 68 -10.12 -3.67 -0.73
CA LYS A 68 -10.98 -4.66 -1.32
C LYS A 68 -12.06 -3.98 -2.16
N ILE A 69 -12.46 -4.62 -3.24
CA ILE A 69 -13.62 -4.20 -4.03
C ILE A 69 -14.51 -5.43 -4.17
N SER A 70 -15.77 -5.31 -3.78
CA SER A 70 -16.70 -6.43 -3.82
C SER A 70 -17.14 -6.70 -5.25
N ASP A 71 -16.82 -7.89 -5.76
CA ASP A 71 -17.15 -8.28 -7.14
C ASP A 71 -17.01 -9.78 -7.36
N PRO A 72 -18.11 -10.46 -7.76
CA PRO A 72 -18.09 -11.92 -7.98
C PRO A 72 -17.20 -12.38 -9.15
N ALA A 73 -16.79 -11.47 -10.02
CA ALA A 73 -15.95 -11.83 -11.16
C ALA A 73 -14.46 -11.79 -10.82
N ILE A 74 -14.12 -11.31 -9.63
CA ILE A 74 -12.73 -11.11 -9.22
C ILE A 74 -12.36 -12.05 -8.08
N LYS A 75 -11.18 -12.67 -8.18
CA LYS A 75 -10.58 -13.39 -7.06
C LYS A 75 -9.44 -12.57 -6.44
N ARG A 76 -9.57 -12.32 -5.14
CA ARG A 76 -8.60 -11.54 -4.39
C ARG A 76 -7.86 -12.42 -3.37
N THR A 77 -6.54 -12.28 -3.32
CA THR A 77 -5.71 -13.03 -2.38
C THR A 77 -4.90 -12.07 -1.50
N LEU A 78 -5.00 -12.24 -0.19
CA LEU A 78 -4.20 -11.47 0.75
C LEU A 78 -2.75 -11.97 0.71
N LEU A 79 -1.83 -11.05 0.46
CA LEU A 79 -0.41 -11.39 0.36
C LEU A 79 0.33 -11.22 1.68
N ARG A 80 0.17 -10.05 2.30
CA ARG A 80 0.75 -9.76 3.61
C ARG A 80 0.03 -8.59 4.29
N ASN A 81 0.14 -8.54 5.61
CA ASN A 81 -0.31 -7.39 6.38
C ASN A 81 0.87 -6.51 6.72
N GLU A 82 0.90 -5.32 6.12
CA GLU A 82 1.93 -4.34 6.39
C GLU A 82 1.51 -3.42 7.55
N ARG A 83 2.46 -3.05 8.39
CA ARG A 83 2.21 -2.13 9.50
C ARG A 83 1.98 -0.70 9.02
N LEU A 84 1.07 0.00 9.71
CA LEU A 84 0.93 1.44 9.54
C LEU A 84 1.86 2.14 10.51
N MET A 85 2.36 3.32 10.12
N MET A 85 2.36 3.32 10.12
N MET A 85 2.33 3.33 10.11
CA MET A 85 3.21 4.13 10.99
CA MET A 85 3.21 4.13 10.99
CA MET A 85 3.21 4.15 10.93
C MET A 85 2.92 5.63 10.86
C MET A 85 2.92 5.63 10.86
C MET A 85 2.70 5.59 10.96
N VAL A 86 3.17 6.36 11.94
CA VAL A 86 2.90 7.79 12.01
C VAL A 86 4.15 8.57 11.60
N ALA A 87 4.01 9.40 10.58
CA ALA A 87 5.07 10.31 10.17
C ALA A 87 4.91 11.62 10.92
N VAL A 88 5.95 12.02 11.64
CA VAL A 88 5.93 13.26 12.43
C VAL A 88 7.22 14.06 12.22
N HIS A 89 7.17 15.36 12.54
CA HIS A 89 8.39 16.15 12.63
C HIS A 89 9.15 15.69 13.88
N ALA A 90 10.47 15.72 13.82
CA ALA A 90 11.32 15.24 14.93
C ALA A 90 11.08 15.97 16.25
N SER A 91 10.62 17.22 16.18
CA SER A 91 10.33 18.04 17.37
C SER A 91 8.95 17.77 17.99
N HIS A 92 8.12 16.99 17.30
CA HIS A 92 6.77 16.68 17.79
C HIS A 92 6.81 15.84 19.07
N PRO A 93 5.96 16.19 20.07
CA PRO A 93 5.85 15.39 21.30
C PRO A 93 5.69 13.89 21.07
N LEU A 94 5.01 13.50 19.99
CA LEU A 94 4.82 12.08 19.64
C LEU A 94 6.15 11.36 19.35
N ASN A 95 7.14 12.12 18.88
CA ASN A 95 8.45 11.54 18.56
C ASN A 95 9.26 11.12 19.79
N GLN A 96 8.86 11.58 20.96
CA GLN A 96 9.47 11.11 22.22
C GLN A 96 9.10 9.65 22.48
N MET A 97 8.08 9.17 21.76
CA MET A 97 7.61 7.79 21.88
C MET A 97 8.08 6.93 20.71
N LYS A 98 9.12 7.39 20.02
CA LYS A 98 9.63 6.73 18.81
C LYS A 98 9.96 5.25 19.01
N ASP A 99 10.59 4.94 20.14
CA ASP A 99 10.97 3.57 20.46
C ASP A 99 9.81 2.78 21.07
N LYS A 100 8.98 3.48 21.84
CA LYS A 100 7.83 2.88 22.52
C LYS A 100 6.66 2.61 21.56
N GLY A 101 6.37 3.57 20.69
CA GLY A 101 5.19 3.51 19.83
C GLY A 101 4.03 4.29 20.44
N VAL A 102 3.01 4.54 19.63
CA VAL A 102 1.81 5.26 20.07
C VAL A 102 0.54 4.52 19.63
N HIS A 103 -0.61 4.96 20.16
CA HIS A 103 -1.90 4.43 19.75
C HIS A 103 -2.61 5.41 18.81
N LEU A 104 -3.54 4.89 18.02
CA LEU A 104 -4.37 5.71 17.14
C LEU A 104 -5.13 6.78 17.92
N ASN A 105 -5.53 6.43 19.15
CA ASN A 105 -6.20 7.35 20.06
C ASN A 105 -5.40 8.62 20.38
N ASP A 106 -4.08 8.49 20.40
CA ASP A 106 -3.18 9.63 20.65
C ASP A 106 -3.16 10.65 19.51
N LEU A 107 -3.70 10.26 18.36
CA LEU A 107 -3.62 11.08 17.15
C LEU A 107 -4.89 11.89 16.88
N ILE A 108 -5.94 11.62 17.66
CA ILE A 108 -7.29 12.12 17.37
C ILE A 108 -7.40 13.64 17.19
N ASP A 109 -6.63 14.40 17.97
CA ASP A 109 -6.71 15.86 17.94
C ASP A 109 -5.57 16.51 17.15
N GLU A 110 -4.81 15.69 16.42
CA GLU A 110 -3.71 16.19 15.61
C GLU A 110 -4.18 16.56 14.21
N LYS A 111 -3.44 17.47 13.56
CA LYS A 111 -3.67 17.80 12.16
C LYS A 111 -3.13 16.65 11.31
N ILE A 112 -4.03 15.89 10.70
CA ILE A 112 -3.65 14.69 9.95
C ILE A 112 -3.72 14.94 8.45
N LEU A 113 -2.64 14.57 7.76
CA LEU A 113 -2.56 14.70 6.31
C LEU A 113 -2.86 13.37 5.62
N LEU A 114 -3.97 13.34 4.89
CA LEU A 114 -4.38 12.18 4.12
C LEU A 114 -3.93 12.35 2.67
N TYR A 115 -3.77 11.23 1.98
CA TYR A 115 -3.32 11.20 0.59
C TYR A 115 -3.69 9.82 0.03
N PRO A 116 -3.76 9.68 -1.31
CA PRO A 116 -3.68 10.73 -2.33
C PRO A 116 -5.06 11.33 -2.60
N SER A 117 -5.15 12.21 -3.60
CA SER A 117 -6.42 12.83 -3.96
C SER A 117 -6.99 12.25 -5.25
N SER A 118 -6.57 11.03 -5.59
CA SER A 118 -7.00 10.34 -6.80
C SER A 118 -8.37 9.67 -6.61
N PRO A 119 -8.94 9.05 -7.68
CA PRO A 119 -10.24 8.39 -7.55
C PRO A 119 -10.35 7.44 -6.35
N LYS A 120 -11.50 7.50 -5.69
CA LYS A 120 -11.77 6.69 -4.50
C LYS A 120 -12.31 5.33 -4.91
N PRO A 121 -12.10 4.29 -4.07
CA PRO A 121 -11.34 4.34 -2.83
C PRO A 121 -9.84 4.32 -3.05
N ASN A 122 -9.11 4.98 -2.16
CA ASN A 122 -7.65 5.00 -2.20
C ASN A 122 -7.10 4.90 -0.78
N PHE A 123 -5.81 5.12 -0.60
CA PHE A 123 -5.18 4.97 0.69
C PHE A 123 -5.80 5.86 1.79
N SER A 124 -6.27 7.05 1.43
CA SER A 124 -6.94 7.93 2.41
C SER A 124 -8.24 7.31 2.93
N THR A 125 -8.95 6.60 2.05
CA THR A 125 -10.13 5.83 2.44
C THR A 125 -9.73 4.77 3.48
N HIS A 126 -8.62 4.07 3.23
CA HIS A 126 -8.15 3.04 4.16
C HIS A 126 -7.80 3.61 5.53
N VAL A 127 -7.10 4.74 5.56
CA VAL A 127 -6.68 5.36 6.82
C VAL A 127 -7.88 5.76 7.69
N MET A 128 -8.88 6.37 7.07
CA MET A 128 -10.08 6.77 7.78
C MET A 128 -10.92 5.55 8.21
N ASN A 129 -10.87 4.48 7.40
CA ASN A 129 -11.46 3.19 7.77
C ASN A 129 -10.83 2.63 9.03
N ILE A 130 -9.49 2.69 9.13
CA ILE A 130 -8.75 2.20 10.29
C ILE A 130 -9.16 2.97 11.54
N PHE A 131 -9.20 4.31 11.43
CA PHE A 131 -9.70 5.15 12.52
C PHE A 131 -11.13 4.75 12.93
N SER A 132 -12.01 4.64 11.94
CA SER A 132 -13.42 4.28 12.18
C SER A 132 -13.59 2.87 12.76
N ASP A 133 -12.70 1.96 12.38
CA ASP A 133 -12.64 0.61 12.96
C ASP A 133 -12.31 0.62 14.45
N HIS A 134 -11.62 1.67 14.89
CA HIS A 134 -11.20 1.80 16.29
C HIS A 134 -12.01 2.86 17.05
N GLY A 135 -13.20 3.15 16.53
CA GLY A 135 -14.14 4.06 17.17
C GLY A 135 -13.74 5.53 17.11
N LEU A 136 -12.93 5.88 16.11
CA LEU A 136 -12.36 7.21 16.01
C LEU A 136 -12.71 7.93 14.71
N GLU A 137 -12.96 9.22 14.82
CA GLU A 137 -13.21 10.05 13.65
C GLU A 137 -12.50 11.41 13.81
N PRO A 138 -11.25 11.50 13.33
CA PRO A 138 -10.46 12.73 13.42
C PRO A 138 -11.10 13.85 12.60
N THR A 139 -11.19 15.04 13.19
CA THR A 139 -11.81 16.19 12.53
C THR A 139 -10.79 17.07 11.79
N LYS A 140 -9.59 17.18 12.34
CA LYS A 140 -8.53 18.01 11.74
C LYS A 140 -7.83 17.22 10.63
N ILE A 141 -8.55 16.99 9.54
CA ILE A 141 -8.00 16.23 8.42
C ILE A 141 -7.89 17.09 7.17
N ASN A 142 -6.79 16.92 6.45
N ASN A 142 -6.79 16.93 6.44
CA ASN A 142 -6.55 17.59 5.18
CA ASN A 142 -6.59 17.59 5.17
C ASN A 142 -6.03 16.57 4.16
C ASN A 142 -6.02 16.64 4.14
N GLU A 143 -6.74 16.44 3.05
CA GLU A 143 -6.33 15.54 1.99
C GLU A 143 -5.39 16.29 1.05
N VAL A 144 -4.18 15.75 0.90
CA VAL A 144 -3.21 16.31 -0.03
C VAL A 144 -3.03 15.38 -1.23
N ARG A 145 -2.38 15.89 -2.27
CA ARG A 145 -2.37 15.24 -3.59
C ARG A 145 -1.64 13.89 -3.63
N GLU A 146 -0.46 13.82 -3.03
CA GLU A 146 0.43 12.66 -3.14
C GLU A 146 1.20 12.42 -1.83
N VAL A 147 1.77 11.23 -1.69
CA VAL A 147 2.55 10.85 -0.51
C VAL A 147 3.69 11.84 -0.18
N GLN A 148 4.44 12.26 -1.19
CA GLN A 148 5.58 13.17 -0.99
C GLN A 148 5.13 14.55 -0.50
N LEU A 149 3.92 14.96 -0.87
N LEU A 149 3.92 14.96 -0.89
CA LEU A 149 3.35 16.21 -0.41
CA LEU A 149 3.34 16.21 -0.40
C LEU A 149 3.01 16.09 1.08
C LEU A 149 3.05 16.06 1.09
N ALA A 150 2.41 14.96 1.47
CA ALA A 150 2.11 14.67 2.87
C ALA A 150 3.37 14.66 3.73
N LEU A 151 4.38 13.92 3.29
CA LEU A 151 5.65 13.81 4.04
C LEU A 151 6.41 15.14 4.08
N GLY A 152 6.46 15.83 2.93
CA GLY A 152 7.11 17.12 2.83
C GLY A 152 6.50 18.18 3.72
N LEU A 153 5.17 18.19 3.82
CA LEU A 153 4.45 19.12 4.67
C LEU A 153 4.62 18.80 6.16
N VAL A 154 4.67 17.52 6.50
CA VAL A 154 5.03 17.09 7.86
C VAL A 154 6.42 17.61 8.25
N ALA A 155 7.38 17.42 7.35
CA ALA A 155 8.75 17.92 7.55
C ALA A 155 8.79 19.45 7.64
N ALA A 156 7.81 20.11 7.02
CA ALA A 156 7.70 21.57 7.05
C ALA A 156 6.93 22.09 8.28
N GLY A 157 6.36 21.17 9.05
CA GLY A 157 5.65 21.53 10.30
C GLY A 157 4.15 21.68 10.17
N GLU A 158 3.56 21.10 9.13
CA GLU A 158 2.13 21.27 8.84
C GLU A 158 1.21 20.28 9.57
N GLY A 159 1.79 19.20 10.08
CA GLY A 159 1.03 18.23 10.85
C GLY A 159 1.67 16.86 10.90
N ILE A 160 0.83 15.83 10.90
CA ILE A 160 1.28 14.44 10.92
C ILE A 160 0.59 13.66 9.81
N SER A 161 1.10 12.47 9.51
CA SER A 161 0.50 11.62 8.48
C SER A 161 0.63 10.15 8.84
N LEU A 162 -0.31 9.33 8.35
CA LEU A 162 -0.20 7.88 8.50
C LEU A 162 0.23 7.26 7.18
N VAL A 163 1.22 6.38 7.23
CA VAL A 163 1.80 5.79 6.03
C VAL A 163 2.03 4.29 6.22
N PRO A 164 2.11 3.53 5.11
CA PRO A 164 2.56 2.14 5.22
C PRO A 164 4.03 2.10 5.60
N ALA A 165 4.46 1.05 6.29
CA ALA A 165 5.85 0.96 6.76
C ALA A 165 6.89 1.09 5.64
N SER A 166 6.59 0.53 4.46
CA SER A 166 7.52 0.58 3.32
C SER A 166 7.78 1.98 2.79
N THR A 167 6.91 2.93 3.16
CA THR A 167 7.08 4.35 2.78
C THR A 167 8.31 4.98 3.46
N GLN A 168 8.90 4.27 4.42
CA GLN A 168 10.18 4.66 5.02
C GLN A 168 11.34 4.61 4.01
N SER A 169 11.05 4.16 2.79
CA SER A 169 11.96 4.33 1.66
C SER A 169 12.25 5.81 1.41
N ILE A 170 11.32 6.67 1.82
CA ILE A 170 11.50 8.12 1.76
C ILE A 170 11.98 8.64 3.10
N GLN A 171 13.20 9.15 3.14
CA GLN A 171 13.76 9.73 4.35
C GLN A 171 14.04 11.21 4.12
N LEU A 172 13.51 12.06 4.99
CA LEU A 172 13.68 13.51 4.87
C LEU A 172 14.21 14.07 6.18
N PHE A 173 14.99 15.15 6.10
CA PHE A 173 15.52 15.81 7.28
C PHE A 173 14.41 16.20 8.24
N ASN A 174 14.61 15.85 9.51
CA ASN A 174 13.64 16.06 10.60
C ASN A 174 12.28 15.38 10.43
N LEU A 175 12.23 14.39 9.55
CA LEU A 175 11.06 13.54 9.42
C LEU A 175 11.34 12.23 10.14
N SER A 176 10.41 11.85 11.03
CA SER A 176 10.57 10.66 11.84
C SER A 176 9.33 9.78 11.76
N TYR A 177 9.55 8.46 11.73
CA TYR A 177 8.44 7.51 11.65
C TYR A 177 8.24 6.80 12.98
N VAL A 178 7.01 6.84 13.48
CA VAL A 178 6.67 6.29 14.80
C VAL A 178 5.74 5.08 14.62
N PRO A 179 6.11 3.94 15.23
CA PRO A 179 5.29 2.73 15.17
C PRO A 179 3.95 2.89 15.89
N LEU A 180 2.94 2.17 15.41
CA LEU A 180 1.63 2.16 16.05
C LEU A 180 1.45 0.90 16.87
N LEU A 181 0.92 1.07 18.07
CA LEU A 181 0.78 -0.05 19.02
C LEU A 181 -0.50 -0.87 18.84
N ASP A 182 -1.50 -0.29 18.18
CA ASP A 182 -2.74 -1.02 17.88
C ASP A 182 -2.43 -2.22 17.00
N PRO A 183 -2.80 -3.43 17.46
CA PRO A 183 -2.55 -4.66 16.69
C PRO A 183 -3.09 -4.60 15.25
N ASP A 184 -4.26 -3.98 15.08
CA ASP A 184 -4.91 -3.89 13.77
C ASP A 184 -4.65 -2.57 13.03
N ALA A 185 -3.63 -1.82 13.46
CA ALA A 185 -3.18 -0.65 12.71
C ALA A 185 -2.30 -1.13 11.56
N ILE A 186 -2.94 -1.73 10.56
CA ILE A 186 -2.26 -2.37 9.44
C ILE A 186 -2.84 -1.95 8.10
N THR A 187 -2.07 -2.19 7.05
CA THR A 187 -2.53 -2.00 5.68
C THR A 187 -2.19 -3.24 4.84
N PRO A 188 -3.19 -4.11 4.60
CA PRO A 188 -3.02 -5.33 3.81
C PRO A 188 -2.64 -5.07 2.35
N ILE A 189 -1.94 -6.04 1.75
CA ILE A 189 -1.59 -6.00 0.34
C ILE A 189 -2.24 -7.19 -0.35
N TYR A 190 -2.96 -6.92 -1.43
CA TYR A 190 -3.67 -7.95 -2.18
C TYR A 190 -3.21 -8.04 -3.62
N ILE A 191 -3.31 -9.25 -4.18
CA ILE A 191 -3.30 -9.44 -5.62
C ILE A 191 -4.72 -9.81 -6.07
N ALA A 192 -5.19 -9.16 -7.12
CA ALA A 192 -6.51 -9.46 -7.69
C ALA A 192 -6.36 -9.98 -9.11
N VAL A 193 -7.07 -11.07 -9.40
CA VAL A 193 -7.13 -11.65 -10.75
C VAL A 193 -8.59 -11.99 -11.10
N ARG A 194 -8.84 -12.27 -12.37
CA ARG A 194 -10.15 -12.81 -12.79
C ARG A 194 -10.43 -14.09 -12.04
N ASN A 195 -11.70 -14.32 -11.74
CA ASN A 195 -12.13 -15.50 -10.98
C ASN A 195 -11.59 -16.82 -11.53
N MET A 196 -11.69 -17.01 -12.84
CA MET A 196 -11.29 -18.28 -13.45
C MET A 196 -9.91 -18.23 -14.11
N GLU A 197 -9.07 -17.30 -13.64
CA GLU A 197 -7.71 -17.14 -14.17
C GLU A 197 -6.87 -18.39 -13.97
N GLU A 198 -6.28 -18.89 -15.07
CA GLU A 198 -5.41 -20.06 -15.00
C GLU A 198 -4.17 -19.95 -15.87
N SER A 199 -3.84 -18.72 -16.30
CA SER A 199 -2.67 -18.50 -17.14
C SER A 199 -1.38 -18.80 -16.41
N THR A 200 -0.51 -19.56 -17.08
CA THR A 200 0.81 -19.90 -16.54
C THR A 200 1.67 -18.66 -16.24
N TYR A 201 1.43 -17.57 -16.97
CA TYR A 201 2.14 -16.31 -16.74
C TYR A 201 1.75 -15.66 -15.43
N ILE A 202 0.49 -15.84 -15.03
CA ILE A 202 0.00 -15.31 -13.75
C ILE A 202 0.44 -16.20 -12.58
N TYR A 203 0.39 -17.52 -12.79
CA TYR A 203 0.92 -18.48 -11.83
C TYR A 203 2.41 -18.23 -11.57
N SER A 204 3.15 -17.96 -12.64
CA SER A 204 4.57 -17.61 -12.57
C SER A 204 4.80 -16.32 -11.79
N LEU A 205 3.92 -15.33 -12.00
CA LEU A 205 3.98 -14.07 -11.25
C LEU A 205 3.76 -14.31 -9.76
N TYR A 206 2.78 -15.16 -9.45
CA TYR A 206 2.46 -15.51 -8.07
C TYR A 206 3.60 -16.26 -7.39
N GLU A 207 4.26 -17.15 -8.13
CA GLU A 207 5.40 -17.90 -7.60
C GLU A 207 6.61 -17.00 -7.37
N THR A 208 6.73 -15.96 -8.20
CA THR A 208 7.77 -14.95 -8.03
C THR A 208 7.57 -14.19 -6.70
N ILE A 209 6.33 -13.85 -6.38
CA ILE A 209 5.98 -13.25 -5.10
C ILE A 209 6.42 -14.18 -3.96
N ARG A 210 6.05 -15.46 -4.08
CA ARG A 210 6.40 -16.48 -3.09
C ARG A 210 7.92 -16.57 -2.89
N GLN A 211 8.67 -16.55 -3.98
CA GLN A 211 10.13 -16.61 -3.94
C GLN A 211 10.74 -15.42 -3.22
N ILE A 212 10.24 -14.22 -3.54
CA ILE A 212 10.72 -12.98 -2.90
C ILE A 212 10.37 -12.96 -1.41
N TYR A 213 9.14 -13.34 -1.07
CA TYR A 213 8.67 -13.40 0.32
C TYR A 213 9.49 -14.35 1.17
N ALA A 214 9.81 -15.52 0.61
CA ALA A 214 10.60 -16.54 1.31
C ALA A 214 12.00 -16.04 1.64
N TYR A 215 12.62 -15.31 0.70
CA TYR A 215 13.95 -14.74 0.90
C TYR A 215 13.93 -13.63 1.95
N GLU A 216 12.81 -12.92 2.03
CA GLU A 216 12.64 -11.83 2.99
C GLU A 216 12.32 -12.33 4.39
N GLY A 217 11.90 -13.58 4.51
CA GLY A 217 11.50 -14.16 5.78
C GLY A 217 10.04 -13.93 6.12
N PHE A 218 9.28 -13.39 5.15
CA PHE A 218 7.84 -13.22 5.31
C PHE A 218 7.12 -14.56 5.15
N THR A 219 5.93 -14.65 5.75
CA THR A 219 5.08 -15.82 5.57
C THR A 219 4.67 -15.91 4.10
N GLU A 220 4.88 -17.08 3.50
CA GLU A 220 4.53 -17.31 2.11
C GLU A 220 3.02 -17.16 1.89
N PRO A 221 2.62 -16.51 0.78
CA PRO A 221 1.20 -16.40 0.44
C PRO A 221 0.60 -17.78 0.14
N PRO A 222 -0.72 -17.95 0.37
CA PRO A 222 -1.36 -19.27 0.22
C PRO A 222 -1.13 -19.90 -1.15
N ASN A 223 -1.07 -21.23 -1.19
CA ASN A 223 -0.78 -21.97 -2.42
C ASN A 223 -1.75 -21.67 -3.56
N TRP A 224 -1.23 -21.59 -4.78
CA TRP A 224 -2.01 -21.25 -5.97
C TRP A 224 -3.01 -22.35 -6.32
C ACT B . 3.82 -6.87 -2.90
O ACT B . 3.91 -5.65 -3.18
OXT ACT B . 4.20 -7.20 -1.75
CH3 ACT B . 3.28 -7.85 -3.87
H1 ACT B . 3.39 -8.86 -3.48
H2 ACT B . 3.81 -7.77 -4.82
H3 ACT B . 2.22 -7.65 -4.04
O1 PG4 C . -1.46 5.25 -7.32
C1 PG4 C . -2.86 4.95 -7.14
C2 PG4 C . -3.61 5.12 -8.45
O2 PG4 C . -3.52 6.48 -8.88
C3 PG4 C . -3.99 6.65 -10.22
C4 PG4 C . -3.46 7.96 -10.78
O3 PG4 C . -4.01 9.07 -10.07
C5 PG4 C . -4.09 10.23 -10.89
C6 PG4 C . -4.80 11.34 -10.13
O4 PG4 C . -5.98 11.72 -10.82
C7 PG4 C . -6.67 12.79 -10.16
C8 PG4 C . -8.16 12.69 -10.46
O5 PG4 C . -8.89 12.56 -9.23
O1 PG4 D . -8.55 -5.59 -24.35
C1 PG4 D . -7.22 -6.07 -24.14
C2 PG4 D . -6.23 -5.10 -24.79
O2 PG4 D . -6.39 -3.80 -24.21
C3 PG4 D . -5.13 -3.23 -23.83
C4 PG4 D . -5.35 -1.81 -23.29
O3 PG4 D . -5.46 -1.84 -21.87
C5 PG4 D . -4.35 -1.20 -21.23
C6 PG4 D . -4.65 -1.01 -19.74
O4 PG4 D . -5.43 0.18 -19.56
C7 PG4 D . -4.72 1.16 -18.81
C8 PG4 D . -5.64 2.35 -18.53
O5 PG4 D . -5.61 3.24 -19.65
C1 PEG E . 6.97 -20.86 -13.44
O1 PEG E . 6.32 -21.92 -12.75
C2 PEG E . 6.52 -20.83 -14.90
O2 PEG E . 7.50 -20.17 -15.69
C3 PEG E . 7.57 -20.66 -17.04
C4 PEG E . 6.28 -20.39 -17.78
O4 PEG E . 6.53 -20.21 -19.18
H11 PEG E . 6.72 -19.91 -12.96
H12 PEG E . 8.05 -20.99 -13.39
HO1 PEG E . 6.40 -21.79 -11.80
H21 PEG E . 6.37 -21.85 -15.24
H22 PEG E . 5.56 -20.30 -14.98
H31 PEG E . 8.39 -20.16 -17.56
H32 PEG E . 7.79 -21.73 -17.03
H41 PEG E . 5.59 -21.23 -17.63
H42 PEG E . 5.80 -19.49 -17.37
HO4 PEG E . 5.81 -20.59 -19.69
C1 PEG F . -6.62 -18.16 -9.79
O1 PEG F . -7.85 -18.89 -9.65
C2 PEG F . -6.21 -17.62 -8.43
O2 PEG F . -4.79 -17.46 -8.34
C3 PEG F . -4.36 -17.00 -7.06
C4 PEG F . -4.38 -18.15 -6.05
O4 PEG F . -3.46 -17.90 -4.99
H11 PEG F . -5.85 -18.82 -10.18
H12 PEG F . -6.76 -17.33 -10.49
HO1 PEG F . -8.56 -18.29 -9.36
H21 PEG F . -6.69 -16.66 -8.26
H22 PEG F . -6.55 -18.32 -7.66
H31 PEG F . -3.35 -16.60 -7.13
H32 PEG F . -5.01 -16.21 -6.71
H41 PEG F . -5.38 -18.28 -5.64
H42 PEG F . -4.10 -19.09 -6.56
HO4 PEG F . -3.57 -18.55 -4.30
#